data_2X95
#
_entry.id   2X95
#
_cell.length_a   172.636
_cell.length_b   172.636
_cell.length_c   102.413
_cell.angle_alpha   90.00
_cell.angle_beta   90.00
_cell.angle_gamma   120.00
#
_symmetry.space_group_name_H-M   'H 3'
#
loop_
_entity.id
_entity.type
_entity.pdbx_description
1 polymer 'ANGIOTENSIN CONVERTING ENZYME'
2 branched beta-D-mannopyranose-(1-6)-alpha-D-mannopyranose-(1-3)-[alpha-D-mannopyranose-(1-6)]beta-D-mannopyranose-(1-4)-2-acetamido-2-deoxy-beta-D-glucopyranose-(1-4)-2-acetamido-2-deoxy-beta-D-glucopyranose
3 non-polymer '4-(2-HYDROXYETHYL)-1-PIPERAZINE ETHANESULFONIC ACID'
4 non-polymer 'ZINC ION'
5 non-polymer 2-acetamido-2-deoxy-beta-D-glucopyranose
6 non-polymer (S)-1-N2-(1-CARBOXY-3-PHENYLPROPYL)-L-LYSYL-L-TRYPTOPHAN
7 water water
#
_entity_poly.entity_id   1
_entity_poly.type   'polypeptide(L)'
_entity_poly.pdbx_seq_one_letter_code
;ALVKEEIQAKEYLENLNKELAKRTNVETEAAWAYGSNITDENEKKKNEISAELAKFMKEVASDTTKFQWRSYQSEDLKRQ
FKALTKLGYAALPEDDYAELLDTLSAMESNFAKVKVCDYKDSTKCDLALDPEIEEVISKSRDHEELAYYWREFYDKAGTA
VRSQFERYVELNTKAAKLNNFTSGAEAWLDEYEDDTFEQQLEDIFADIRPLYQQIHGYVRFRLRKHYGDAVVSETGPIPM
HLLGNMWAQQWSEIADIVSPFPEKPLVDVSAEMEKQGYTPLKMFQMGDDFFTSMNLTKLPQDFWDKSIIEKPTDGRDLVC
HASAWDFYLTDDVRIKQCTRVTQDQLFTVHHELGHIQYFLQYQHQPFVYRTGANPGFHEAVGDVLSLSVSTPKHLEKIGL
LKDYVRDDEARINQLFLTALDKIVFLPFAFTMDKYRWSLFRGEVDKANWNCAFWKLRDEYSGIEPPVVRSEKDFDAPAKY
HISADVEYLRYLVSFIIQFQFYKSACIKAGQYDPDNVELPLDNCDIYGSAAAGAAFHNMLSMGASKPWPDALEAFNGERI
MSGKAIAEYFEPLRVWLEAENIKNNVHIGWTTSNKCVSS
;
_entity_poly.pdbx_strand_id   A
#
# COMPACT_ATOMS: atom_id res chain seq x y z
N ALA A 1 -26.16 -28.99 27.98
CA ALA A 1 -24.82 -28.60 28.54
C ALA A 1 -23.96 -27.86 27.51
N LEU A 2 -23.01 -27.08 28.00
CA LEU A 2 -22.11 -26.31 27.14
C LEU A 2 -20.96 -27.17 26.60
N VAL A 3 -20.70 -28.30 27.26
CA VAL A 3 -19.67 -29.25 26.83
C VAL A 3 -20.04 -29.86 25.48
N LYS A 4 -21.27 -30.37 25.36
CA LYS A 4 -21.77 -30.95 24.13
C LYS A 4 -21.91 -29.90 23.01
N GLU A 5 -22.28 -28.68 23.39
CA GLU A 5 -22.49 -27.60 22.42
C GLU A 5 -21.18 -27.15 21.77
N GLU A 6 -20.13 -27.07 22.58
CA GLU A 6 -18.80 -26.67 22.10
C GLU A 6 -18.21 -27.69 21.12
N ILE A 7 -18.59 -28.96 21.29
CA ILE A 7 -18.21 -30.01 20.36
C ILE A 7 -18.97 -29.85 19.04
N GLN A 8 -20.27 -29.56 19.13
CA GLN A 8 -21.12 -29.32 17.96
C GLN A 8 -20.73 -28.04 17.23
N ALA A 9 -20.32 -27.03 18.00
CA ALA A 9 -19.88 -25.74 17.45
C ALA A 9 -18.64 -25.89 16.58
N LYS A 10 -17.70 -26.71 17.06
CA LYS A 10 -16.45 -27.00 16.33
C LYS A 10 -16.74 -27.63 14.97
N GLU A 11 -17.67 -28.59 14.95
CA GLU A 11 -18.11 -29.23 13.70
C GLU A 11 -18.83 -28.25 12.79
N TYR A 12 -19.63 -27.37 13.39
CA TYR A 12 -20.34 -26.32 12.65
C TYR A 12 -19.36 -25.37 11.97
N LEU A 13 -18.31 -24.99 12.68
CA LEU A 13 -17.29 -24.06 12.16
C LEU A 13 -16.48 -24.67 11.02
N GLU A 14 -16.08 -25.94 11.18
CA GLU A 14 -15.32 -26.63 10.15
C GLU A 14 -16.07 -26.65 8.81
N ASN A 15 -17.36 -27.00 8.87
CA ASN A 15 -18.21 -27.03 7.67
CA ASN A 15 -18.21 -27.03 7.67
C ASN A 15 -18.45 -25.64 7.08
N LEU A 16 -18.76 -24.68 7.94
CA LEU A 16 -19.05 -23.31 7.51
C LEU A 16 -17.84 -22.62 6.88
N ASN A 17 -16.66 -22.82 7.44
CA ASN A 17 -15.43 -22.27 6.88
C ASN A 17 -15.22 -22.76 5.46
N LYS A 18 -15.43 -24.06 5.26
CA LYS A 18 -15.29 -24.67 3.92
C LYS A 18 -16.33 -24.13 2.95
N GLU A 19 -17.54 -23.93 3.44
CA GLU A 19 -18.61 -23.34 2.63
C GLU A 19 -18.31 -21.87 2.27
N LEU A 20 -17.76 -21.12 3.21
CA LEU A 20 -17.40 -19.72 2.97
C LEU A 20 -16.28 -19.57 1.95
N ALA A 21 -15.25 -20.42 2.04
CA ALA A 21 -14.15 -20.42 1.08
C ALA A 21 -14.66 -20.68 -0.33
N LYS A 22 -15.57 -21.64 -0.45
CA LYS A 22 -16.13 -22.03 -1.75
C LYS A 22 -17.03 -20.94 -2.35
N ARG A 23 -17.83 -20.28 -1.51
CA ARG A 23 -18.68 -19.17 -1.96
C ARG A 23 -17.86 -17.94 -2.32
N THR A 24 -16.79 -17.69 -1.57
CA THR A 24 -15.91 -16.53 -1.81
C THR A 24 -15.09 -16.73 -3.10
N ASN A 25 -14.75 -17.99 -3.39
CA ASN A 25 -14.10 -18.34 -4.65
C ASN A 25 -14.90 -17.83 -5.85
N VAL A 26 -16.21 -18.10 -5.83
CA VAL A 26 -17.12 -17.64 -6.87
C VAL A 26 -17.13 -16.12 -6.98
N GLU A 27 -17.23 -15.43 -5.85
CA GLU A 27 -17.19 -13.97 -5.84
C GLU A 27 -15.88 -13.44 -6.40
N THR A 28 -14.77 -14.02 -5.96
CA THR A 28 -13.43 -13.59 -6.36
C THR A 28 -13.22 -13.75 -7.87
N GLU A 29 -13.73 -14.85 -8.43
CA GLU A 29 -13.63 -15.10 -9.86
C GLU A 29 -14.35 -14.03 -10.66
N ALA A 30 -15.55 -13.65 -10.22
CA ALA A 30 -16.29 -12.57 -10.86
C ALA A 30 -15.58 -11.20 -10.74
N ALA A 31 -14.98 -10.96 -9.57
CA ALA A 31 -14.22 -9.72 -9.34
C ALA A 31 -12.95 -9.68 -10.17
N TRP A 32 -12.28 -10.82 -10.30
CA TRP A 32 -11.11 -10.97 -11.16
C TRP A 32 -11.45 -10.70 -12.62
N ALA A 33 -12.55 -11.29 -13.08
CA ALA A 33 -12.99 -11.14 -14.47
C ALA A 33 -13.31 -9.69 -14.81
N TYR A 34 -13.84 -8.95 -13.84
CA TYR A 34 -14.18 -7.54 -14.02
C TYR A 34 -12.94 -6.65 -14.04
N GLY A 35 -12.03 -6.88 -13.08
CA GLY A 35 -10.79 -6.13 -12.99
C GLY A 35 -9.85 -6.36 -14.17
N SER A 36 -9.96 -7.54 -14.78
CA SER A 36 -9.16 -7.90 -15.95
C SER A 36 -9.82 -7.46 -17.25
N ASN A 37 -11.10 -7.08 -17.16
CA ASN A 37 -11.93 -6.83 -18.34
C ASN A 37 -13.20 -6.05 -17.98
N ILE A 38 -13.07 -4.72 -17.90
CA ILE A 38 -14.18 -3.88 -17.48
C ILE A 38 -15.26 -3.76 -18.56
N THR A 39 -16.41 -4.38 -18.31
CA THR A 39 -17.60 -4.25 -19.15
C THR A 39 -18.82 -4.13 -18.26
N ASP A 40 -19.91 -3.62 -18.83
CA ASP A 40 -21.18 -3.52 -18.10
C ASP A 40 -21.69 -4.89 -17.68
N GLU A 41 -21.41 -5.91 -18.51
CA GLU A 41 -21.82 -7.28 -18.24
C GLU A 41 -21.05 -7.89 -17.06
N ASN A 42 -19.73 -7.70 -17.04
CA ASN A 42 -18.89 -8.21 -15.95
C ASN A 42 -19.12 -7.46 -14.63
N GLU A 43 -19.45 -6.17 -14.72
CA GLU A 43 -19.83 -5.36 -13.55
C GLU A 43 -21.08 -5.94 -12.90
N LYS A 44 -22.10 -6.17 -13.72
CA LYS A 44 -23.36 -6.76 -13.31
C LYS A 44 -23.15 -8.11 -12.62
N LYS A 45 -22.31 -8.95 -13.22
CA LYS A 45 -21.98 -10.27 -12.68
C LYS A 45 -21.24 -10.18 -11.34
N LYS A 46 -20.22 -9.33 -11.29
CA LYS A 46 -19.44 -9.11 -10.08
C LYS A 46 -20.34 -8.71 -8.89
N ASN A 47 -21.21 -7.74 -9.12
CA ASN A 47 -22.06 -7.17 -8.08
C ASN A 47 -23.20 -8.07 -7.64
N GLU A 48 -23.77 -8.83 -8.57
CA GLU A 48 -24.88 -9.74 -8.25
C GLU A 48 -24.42 -10.94 -7.42
N ILE A 49 -23.22 -11.45 -7.72
CA ILE A 49 -22.62 -12.52 -6.92
C ILE A 49 -22.26 -12.02 -5.51
N SER A 50 -21.74 -10.80 -5.42
CA SER A 50 -21.42 -10.19 -4.12
C SER A 50 -22.68 -10.01 -3.27
N ALA A 51 -23.78 -9.63 -3.92
CA ALA A 51 -25.08 -9.49 -3.26
C ALA A 51 -25.56 -10.84 -2.72
N GLU A 52 -25.30 -11.90 -3.48
CA GLU A 52 -25.64 -13.26 -3.08
C GLU A 52 -24.81 -13.72 -1.88
N LEU A 53 -23.50 -13.43 -1.90
CA LEU A 53 -22.64 -13.76 -0.78
C LEU A 53 -23.00 -12.97 0.48
N ALA A 54 -23.36 -11.69 0.30
CA ALA A 54 -23.78 -10.84 1.42
C ALA A 54 -25.02 -11.41 2.12
N LYS A 55 -25.98 -11.88 1.31
CA LYS A 55 -27.21 -12.48 1.82
C LYS A 55 -26.91 -13.71 2.68
N PHE A 56 -25.95 -14.52 2.23
CA PHE A 56 -25.52 -15.70 2.97
C PHE A 56 -24.83 -15.35 4.29
N MET A 57 -24.01 -14.29 4.28
CA MET A 57 -23.33 -13.80 5.48
C MET A 57 -24.34 -13.36 6.55
N LYS A 58 -25.41 -12.70 6.13
CA LYS A 58 -26.50 -12.30 7.03
C LYS A 58 -27.09 -13.50 7.75
N GLU A 59 -27.35 -14.57 7.00
CA GLU A 59 -27.86 -15.83 7.55
C GLU A 59 -26.87 -16.45 8.54
N VAL A 60 -25.58 -16.34 8.23
CA VAL A 60 -24.52 -16.84 9.09
C VAL A 60 -24.47 -16.07 10.41
N ALA A 61 -24.38 -14.75 10.32
CA ALA A 61 -24.37 -13.88 11.51
C ALA A 61 -25.58 -14.14 12.40
N SER A 62 -26.73 -14.37 11.78
CA SER A 62 -27.95 -14.74 12.48
C SER A 62 -27.83 -16.10 13.18
N ASP A 63 -27.20 -17.05 12.51
CA ASP A 63 -27.02 -18.40 13.05
C ASP A 63 -26.05 -18.49 14.23
N THR A 64 -25.13 -17.52 14.33
CA THR A 64 -24.17 -17.49 15.44
C THR A 64 -24.82 -17.24 16.79
N THR A 65 -25.99 -16.59 16.79
CA THR A 65 -26.76 -16.33 18.01
C THR A 65 -27.36 -17.61 18.58
N LYS A 66 -27.37 -18.68 17.79
CA LYS A 66 -27.83 -20.00 18.24
C LYS A 66 -26.78 -20.71 19.09
N PHE A 67 -25.54 -20.23 19.03
CA PHE A 67 -24.44 -20.78 19.81
C PHE A 67 -24.06 -19.82 20.94
N GLN A 68 -23.85 -20.37 22.15
CA GLN A 68 -23.41 -19.60 23.30
C GLN A 68 -21.89 -19.39 23.25
N TRP A 69 -21.40 -18.85 22.13
CA TRP A 69 -19.96 -18.86 21.86
C TRP A 69 -19.11 -18.07 22.86
N ARG A 70 -19.66 -16.99 23.40
CA ARG A 70 -18.96 -16.20 24.43
C ARG A 70 -18.72 -16.97 25.72
N SER A 71 -19.44 -18.08 25.90
CA SER A 71 -19.32 -18.93 27.09
C SER A 71 -18.31 -20.07 26.93
N TYR A 72 -17.74 -20.21 25.73
CA TYR A 72 -16.86 -21.34 25.45
C TYR A 72 -15.50 -21.28 26.13
N GLN A 73 -14.92 -22.47 26.33
CA GLN A 73 -13.57 -22.61 26.89
C GLN A 73 -12.49 -22.29 25.86
N SER A 74 -12.74 -22.68 24.61
CA SER A 74 -11.73 -22.56 23.55
C SER A 74 -11.63 -21.14 23.00
N GLU A 75 -10.47 -20.51 23.22
CA GLU A 75 -10.19 -19.20 22.65
C GLU A 75 -10.26 -19.25 21.12
N ASP A 76 -9.82 -20.36 20.54
CA ASP A 76 -9.83 -20.55 19.09
C ASP A 76 -11.25 -20.51 18.52
N LEU A 77 -12.17 -21.24 19.15
CA LEU A 77 -13.57 -21.28 18.70
C LEU A 77 -14.23 -19.91 18.84
N LYS A 78 -14.00 -19.25 19.96
CA LYS A 78 -14.56 -17.91 20.19
C LYS A 78 -14.03 -16.89 19.17
N ARG A 79 -12.75 -17.01 18.83
CA ARG A 79 -12.14 -16.11 17.84
C ARG A 79 -12.79 -16.27 16.45
N GLN A 80 -13.08 -17.51 16.09
CA GLN A 80 -13.74 -17.82 14.81
C GLN A 80 -15.17 -17.31 14.76
N PHE A 81 -15.93 -17.58 15.82
CA PHE A 81 -17.30 -17.07 15.90
C PHE A 81 -17.35 -15.55 15.85
N LYS A 82 -16.42 -14.89 16.53
CA LYS A 82 -16.35 -13.44 16.54
C LYS A 82 -16.10 -12.90 15.13
N ALA A 83 -15.19 -13.56 14.40
CA ALA A 83 -14.93 -13.21 13.00
C ALA A 83 -16.20 -13.30 12.14
N LEU A 84 -17.03 -14.31 12.40
CA LEU A 84 -18.29 -14.52 11.67
C LEU A 84 -19.37 -13.49 11.99
N THR A 85 -19.32 -12.89 13.17
CA THR A 85 -20.30 -11.88 13.56
C THR A 85 -20.06 -10.55 12.85
N LYS A 86 -18.84 -10.34 12.38
CA LYS A 86 -18.45 -9.08 11.75
C LYS A 86 -18.83 -9.07 10.27
N LEU A 87 -19.97 -8.43 9.98
CA LEU A 87 -20.57 -8.45 8.65
C LEU A 87 -20.02 -7.42 7.67
N GLY A 88 -19.51 -6.31 8.20
CA GLY A 88 -19.14 -5.16 7.36
C GLY A 88 -20.32 -4.68 6.52
N TYR A 89 -20.07 -4.49 5.22
CA TYR A 89 -21.11 -4.02 4.29
C TYR A 89 -22.29 -4.98 4.16
N ALA A 90 -22.07 -6.27 4.40
CA ALA A 90 -23.12 -7.27 4.31
C ALA A 90 -24.24 -7.11 5.36
N ALA A 91 -24.08 -6.17 6.29
CA ALA A 91 -25.11 -5.88 7.28
C ALA A 91 -26.22 -4.99 6.69
N LEU A 92 -25.91 -4.29 5.60
CA LEU A 92 -26.85 -3.37 4.94
C LEU A 92 -28.08 -4.11 4.39
N PRO A 93 -29.26 -3.45 4.40
CA PRO A 93 -30.43 -4.00 3.72
C PRO A 93 -30.11 -4.33 2.27
N GLU A 94 -30.80 -5.33 1.71
CA GLU A 94 -30.55 -5.81 0.35
C GLU A 94 -30.35 -4.67 -0.66
N ASP A 95 -31.30 -3.74 -0.71
CA ASP A 95 -31.28 -2.62 -1.64
C ASP A 95 -30.10 -1.66 -1.43
N ASP A 96 -29.80 -1.35 -0.17
CA ASP A 96 -28.68 -0.47 0.16
C ASP A 96 -27.33 -1.08 -0.23
N TYR A 97 -27.18 -2.38 -0.01
CA TYR A 97 -25.97 -3.09 -0.41
C TYR A 97 -25.77 -3.03 -1.93
N ALA A 98 -26.83 -3.28 -2.68
CA ALA A 98 -26.79 -3.22 -4.15
C ALA A 98 -26.39 -1.83 -4.64
N GLU A 99 -26.92 -0.79 -4.00
CA GLU A 99 -26.57 0.58 -4.32
C GLU A 99 -25.10 0.88 -4.04
N LEU A 100 -24.60 0.40 -2.91
CA LEU A 100 -23.19 0.59 -2.56
C LEU A 100 -22.26 -0.08 -3.58
N LEU A 101 -22.57 -1.34 -3.91
CA LEU A 101 -21.82 -2.08 -4.92
C LEU A 101 -21.76 -1.33 -6.25
N ASP A 102 -22.90 -0.78 -6.67
CA ASP A 102 -22.99 0.00 -7.91
C ASP A 102 -22.18 1.28 -7.81
N THR A 103 -22.18 1.89 -6.63
CA THR A 103 -21.42 3.11 -6.37
C THR A 103 -19.91 2.83 -6.41
N LEU A 104 -19.49 1.73 -5.81
CA LEU A 104 -18.08 1.32 -5.78
C LEU A 104 -17.53 0.96 -7.16
N SER A 105 -18.31 0.26 -7.97
CA SER A 105 -17.85 -0.07 -9.32
C SER A 105 -17.83 1.16 -10.22
N ALA A 106 -18.75 2.09 -9.99
CA ALA A 106 -18.78 3.36 -10.71
C ALA A 106 -17.49 4.17 -10.48
N MET A 107 -17.01 4.20 -9.23
CA MET A 107 -15.79 4.93 -8.91
C MET A 107 -14.53 4.23 -9.41
N GLU A 108 -14.44 2.92 -9.20
CA GLU A 108 -13.26 2.16 -9.64
C GLU A 108 -13.15 2.13 -11.16
N SER A 109 -14.27 1.94 -11.86
CA SER A 109 -14.24 1.93 -13.33
C SER A 109 -13.93 3.32 -13.90
N ASN A 110 -14.44 4.36 -13.25
CA ASN A 110 -14.09 5.73 -13.64
C ASN A 110 -12.59 5.94 -13.59
N PHE A 111 -11.99 5.61 -12.45
CA PHE A 111 -10.54 5.71 -12.27
C PHE A 111 -9.80 4.95 -13.37
N ALA A 112 -10.20 3.70 -13.58
CA ALA A 112 -9.53 2.81 -14.53
C ALA A 112 -9.69 3.24 -15.98
N LYS A 113 -10.71 4.04 -16.28
CA LYS A 113 -11.00 4.46 -17.64
C LYS A 113 -10.50 5.86 -17.99
N VAL A 114 -9.87 6.54 -17.04
CA VAL A 114 -9.36 7.90 -17.27
C VAL A 114 -8.38 7.95 -18.44
N LYS A 115 -8.66 8.83 -19.39
CA LYS A 115 -7.78 9.11 -20.52
C LYS A 115 -7.65 10.62 -20.67
N VAL A 116 -6.43 11.08 -20.94
CA VAL A 116 -6.18 12.51 -21.14
C VAL A 116 -5.59 12.79 -22.51
N CYS A 117 -5.65 14.04 -22.94
CA CYS A 117 -5.07 14.46 -24.22
C CYS A 117 -3.60 14.82 -24.06
N ASP A 118 -2.80 14.46 -25.07
CA ASP A 118 -1.38 14.77 -25.11
C ASP A 118 -1.16 16.28 -24.94
N TYR A 119 -0.20 16.64 -24.10
CA TYR A 119 0.17 18.05 -23.85
C TYR A 119 0.55 18.79 -25.13
N LYS A 120 1.20 18.08 -26.04
CA LYS A 120 1.72 18.67 -27.28
C LYS A 120 0.89 18.32 -28.52
N ASP A 121 -0.14 17.49 -28.32
CA ASP A 121 -1.01 17.05 -29.41
C ASP A 121 -2.45 16.91 -28.92
N SER A 122 -3.23 17.98 -29.06
CA SER A 122 -4.61 18.03 -28.57
C SER A 122 -5.56 17.05 -29.28
N THR A 123 -5.06 16.39 -30.33
CA THR A 123 -5.85 15.40 -31.08
C THR A 123 -5.65 13.99 -30.51
N LYS A 124 -4.47 13.73 -29.96
CA LYS A 124 -4.17 12.42 -29.36
C LYS A 124 -4.65 12.39 -27.90
N CYS A 125 -5.80 11.77 -27.69
CA CYS A 125 -6.46 11.77 -26.37
C CYS A 125 -6.68 10.38 -25.77
N ASP A 126 -5.69 9.50 -25.94
CA ASP A 126 -5.79 8.13 -25.44
C ASP A 126 -4.71 7.80 -24.39
N LEU A 127 -4.20 8.82 -23.72
CA LEU A 127 -3.15 8.64 -22.72
C LEU A 127 -3.74 8.22 -21.38
N ALA A 128 -3.37 7.03 -20.91
CA ALA A 128 -3.83 6.51 -19.63
C ALA A 128 -2.79 6.77 -18.55
N LEU A 129 -3.20 6.70 -17.29
CA LEU A 129 -2.27 6.85 -16.17
C LEU A 129 -1.11 5.86 -16.28
N ASP A 130 -1.46 4.59 -16.46
CA ASP A 130 -0.50 3.52 -16.63
C ASP A 130 -0.56 3.06 -18.08
N PRO A 131 0.51 3.30 -18.86
CA PRO A 131 1.79 3.89 -18.45
C PRO A 131 2.04 5.35 -18.84
N GLU A 132 1.18 5.92 -19.68
CA GLU A 132 1.48 7.22 -20.34
C GLU A 132 1.71 8.40 -19.40
N ILE A 133 0.74 8.67 -18.53
CA ILE A 133 0.82 9.85 -17.67
C ILE A 133 1.91 9.68 -16.61
N GLU A 134 1.98 8.49 -16.01
CA GLU A 134 2.99 8.21 -15.00
C GLU A 134 4.42 8.31 -15.53
N GLU A 135 4.59 7.99 -16.82
CA GLU A 135 5.88 8.15 -17.47
C GLU A 135 6.29 9.62 -17.50
N VAL A 136 5.36 10.50 -17.87
CA VAL A 136 5.63 11.95 -17.89
C VAL A 136 5.91 12.51 -16.50
N ILE A 137 5.05 12.19 -15.53
CA ILE A 137 5.21 12.70 -14.16
C ILE A 137 6.56 12.30 -13.56
N SER A 138 7.02 11.08 -13.88
CA SER A 138 8.29 10.60 -13.34
C SER A 138 9.53 11.08 -14.11
N LYS A 139 9.37 11.43 -15.38
CA LYS A 139 10.51 11.74 -16.25
C LYS A 139 10.66 13.22 -16.62
N SER A 140 9.55 13.89 -16.92
CA SER A 140 9.59 15.28 -17.36
C SER A 140 10.10 16.22 -16.28
N ARG A 141 10.92 17.18 -16.68
CA ARG A 141 11.35 18.25 -15.78
C ARG A 141 10.88 19.60 -16.31
N ASP A 142 9.79 19.57 -17.08
CA ASP A 142 9.13 20.75 -17.60
C ASP A 142 7.95 21.01 -16.69
N HIS A 143 8.09 22.00 -15.81
CA HIS A 143 7.09 22.26 -14.77
C HIS A 143 5.70 22.59 -15.30
N GLU A 144 5.62 23.22 -16.48
CA GLU A 144 4.32 23.51 -17.08
C GLU A 144 3.65 22.27 -17.67
N GLU A 145 4.46 21.39 -18.25
CA GLU A 145 3.97 20.10 -18.72
C GLU A 145 3.43 19.26 -17.58
N LEU A 146 4.19 19.21 -16.48
CA LEU A 146 3.81 18.48 -15.27
C LEU A 146 2.49 18.98 -14.69
N ALA A 147 2.33 20.30 -14.63
CA ALA A 147 1.11 20.93 -14.10
C ALA A 147 -0.10 20.63 -14.98
N TYR A 148 0.12 20.57 -16.30
CA TYR A 148 -0.95 20.21 -17.24
C TYR A 148 -1.49 18.81 -16.93
N TYR A 149 -0.59 17.83 -16.84
CA TYR A 149 -1.00 16.45 -16.62
C TYR A 149 -1.62 16.24 -15.24
N TRP A 150 -1.09 16.94 -14.24
CA TRP A 150 -1.66 16.91 -12.89
C TRP A 150 -3.13 17.36 -12.94
N ARG A 151 -3.38 18.54 -13.52
CA ARG A 151 -4.72 19.09 -13.59
C ARG A 151 -5.68 18.18 -14.35
N GLU A 152 -5.26 17.71 -15.53
CA GLU A 152 -6.09 16.84 -16.35
C GLU A 152 -6.49 15.57 -15.61
N PHE A 153 -5.52 14.92 -14.97
CA PHE A 153 -5.78 13.68 -14.24
C PHE A 153 -6.69 13.86 -13.02
N TYR A 154 -6.39 14.85 -12.18
CA TYR A 154 -7.19 15.11 -10.98
C TYR A 154 -8.64 15.49 -11.31
N ASP A 155 -8.83 16.29 -12.35
CA ASP A 155 -10.18 16.66 -12.81
C ASP A 155 -11.00 15.43 -13.23
N LYS A 156 -10.35 14.47 -13.90
CA LYS A 156 -11.05 13.29 -14.43
C LYS A 156 -11.18 12.13 -13.43
N ALA A 157 -10.14 11.91 -12.62
CA ALA A 157 -10.14 10.82 -11.65
C ALA A 157 -10.75 11.23 -10.31
N GLY A 158 -10.64 12.52 -9.99
CA GLY A 158 -11.13 13.02 -8.72
C GLY A 158 -12.51 13.63 -8.83
N THR A 159 -12.58 14.80 -9.46
CA THR A 159 -13.79 15.62 -9.43
C THR A 159 -15.02 14.93 -10.03
N ALA A 160 -14.82 14.16 -11.10
CA ALA A 160 -15.91 13.51 -11.84
C ALA A 160 -16.77 12.59 -10.97
N VAL A 161 -16.24 12.22 -9.80
CA VAL A 161 -16.79 11.15 -8.99
C VAL A 161 -17.27 11.63 -7.61
N ARG A 162 -17.36 12.95 -7.44
CA ARG A 162 -17.79 13.56 -6.17
C ARG A 162 -19.12 13.04 -5.64
N SER A 163 -20.15 13.01 -6.49
CA SER A 163 -21.49 12.60 -6.04
C SER A 163 -21.54 11.12 -5.64
N GLN A 164 -20.82 10.28 -6.37
CA GLN A 164 -20.71 8.87 -6.03
C GLN A 164 -19.95 8.69 -4.72
N PHE A 165 -18.89 9.48 -4.53
CA PHE A 165 -18.11 9.40 -3.30
C PHE A 165 -18.93 9.82 -2.08
N GLU A 166 -19.78 10.83 -2.25
CA GLU A 166 -20.68 11.28 -1.18
C GLU A 166 -21.65 10.19 -0.73
N ARG A 167 -22.24 9.49 -1.70
CA ARG A 167 -23.16 8.40 -1.42
C ARG A 167 -22.44 7.20 -0.80
N TYR A 168 -21.22 6.96 -1.25
CA TYR A 168 -20.36 5.93 -0.65
C TYR A 168 -20.13 6.20 0.84
N VAL A 169 -19.76 7.44 1.19
CA VAL A 169 -19.57 7.82 2.60
C VAL A 169 -20.84 7.56 3.42
N GLU A 170 -21.99 7.98 2.88
CA GLU A 170 -23.28 7.74 3.52
C GLU A 170 -23.54 6.27 3.82
N LEU A 171 -23.32 5.41 2.82
CA LEU A 171 -23.61 3.98 2.97
C LEU A 171 -22.54 3.24 3.77
N ASN A 172 -21.30 3.70 3.68
CA ASN A 172 -20.23 3.16 4.52
C ASN A 172 -20.53 3.43 6.00
N THR A 173 -21.04 4.62 6.29
CA THR A 173 -21.44 5.02 7.63
C THR A 173 -22.63 4.18 8.13
N LYS A 174 -23.65 4.04 7.28
CA LYS A 174 -24.82 3.23 7.62
C LYS A 174 -24.44 1.78 7.94
N ALA A 175 -23.56 1.19 7.15
CA ALA A 175 -23.03 -0.16 7.37
C ALA A 175 -22.30 -0.28 8.71
N ALA A 176 -21.42 0.68 8.98
CA ALA A 176 -20.66 0.69 10.23
C ALA A 176 -21.56 0.71 11.46
N LYS A 177 -22.59 1.54 11.42
CA LYS A 177 -23.52 1.68 12.54
C LYS A 177 -24.41 0.44 12.72
N LEU A 178 -24.72 -0.24 11.61
CA LEU A 178 -25.42 -1.53 11.66
C LEU A 178 -24.57 -2.63 12.30
N ASN A 179 -23.25 -2.46 12.24
CA ASN A 179 -22.32 -3.33 12.97
C ASN A 179 -21.98 -2.77 14.36
N ASN A 180 -22.65 -1.68 14.73
CA ASN A 180 -22.47 -0.99 16.02
C ASN A 180 -21.09 -0.38 16.27
N PHE A 181 -20.39 -0.08 15.18
CA PHE A 181 -19.24 0.81 15.24
C PHE A 181 -19.77 2.24 15.08
N THR A 182 -19.05 3.21 15.65
CA THR A 182 -19.41 4.62 15.51
C THR A 182 -19.41 5.05 14.04
N SER A 183 -18.40 4.60 13.30
CA SER A 183 -18.27 4.96 11.90
C SER A 183 -17.34 3.98 11.19
N GLY A 184 -17.15 4.18 9.90
CA GLY A 184 -16.26 3.35 9.09
C GLY A 184 -14.81 3.41 9.53
N ALA A 185 -14.44 4.49 10.22
CA ALA A 185 -13.12 4.62 10.83
C ALA A 185 -12.89 3.52 11.87
N GLU A 186 -13.83 3.39 12.78
CA GLU A 186 -13.76 2.37 13.83
C GLU A 186 -13.90 0.96 13.24
N ALA A 187 -14.71 0.81 12.21
CA ALA A 187 -14.81 -0.48 11.50
C ALA A 187 -13.46 -0.92 10.93
N TRP A 188 -12.75 0.02 10.30
CA TRP A 188 -11.41 -0.26 9.77
C TRP A 188 -10.41 -0.55 10.88
N LEU A 189 -10.41 0.29 11.92
CA LEU A 189 -9.48 0.16 13.03
C LEU A 189 -9.63 -1.15 13.83
N ASP A 190 -10.83 -1.71 13.82
CA ASP A 190 -11.11 -3.00 14.45
C ASP A 190 -10.17 -4.11 13.98
N GLU A 191 -9.69 -4.01 12.74
CA GLU A 191 -8.77 -5.00 12.16
C GLU A 191 -7.42 -5.10 12.87
N TYR A 192 -7.09 -4.09 13.69
CA TYR A 192 -5.82 -4.07 14.42
C TYR A 192 -5.94 -4.55 15.87
N GLU A 193 -7.16 -4.88 16.30
CA GLU A 193 -7.44 -5.47 17.62
C GLU A 193 -6.66 -4.79 18.75
N ASP A 194 -6.73 -3.46 18.79
CA ASP A 194 -5.99 -2.68 19.78
C ASP A 194 -6.65 -1.32 19.92
N ASP A 195 -7.25 -1.07 21.08
CA ASP A 195 -8.00 0.17 21.32
C ASP A 195 -7.12 1.42 21.47
N THR A 196 -5.80 1.25 21.53
CA THR A 196 -4.88 2.38 21.56
C THR A 196 -4.09 2.54 20.26
N PHE A 197 -4.53 1.87 19.20
CA PHE A 197 -3.75 1.81 17.94
C PHE A 197 -3.47 3.19 17.34
N GLU A 198 -4.49 4.06 17.30
CA GLU A 198 -4.32 5.43 16.77
C GLU A 198 -3.27 6.22 17.54
N GLN A 199 -3.33 6.17 18.87
CA GLN A 199 -2.35 6.88 19.69
C GLN A 199 -0.93 6.36 19.47
N GLN A 200 -0.81 5.04 19.34
CA GLN A 200 0.49 4.40 19.09
C GLN A 200 1.13 4.94 17.83
N LEU A 201 0.33 5.03 16.77
CA LEU A 201 0.78 5.56 15.48
C LEU A 201 1.12 7.04 15.55
N GLU A 202 0.30 7.81 16.26
CA GLU A 202 0.60 9.24 16.51
C GLU A 202 1.96 9.37 17.19
N ASP A 203 2.21 8.55 18.21
CA ASP A 203 3.47 8.54 18.95
C ASP A 203 4.67 8.18 18.07
N ILE A 204 4.53 7.12 17.27
CA ILE A 204 5.60 6.74 16.34
C ILE A 204 5.84 7.82 15.29
N PHE A 205 4.76 8.29 14.66
CA PHE A 205 4.89 9.34 13.64
C PHE A 205 5.59 10.58 14.18
N ALA A 206 5.24 11.00 15.39
CA ALA A 206 5.86 12.17 16.02
C ALA A 206 7.37 12.02 16.22
N ASP A 207 7.82 10.79 16.46
CA ASP A 207 9.25 10.49 16.58
C ASP A 207 10.00 10.61 15.25
N ILE A 208 9.35 10.23 14.15
CA ILE A 208 9.98 10.23 12.83
C ILE A 208 9.81 11.57 12.10
N ARG A 209 8.77 12.30 12.49
CA ARG A 209 8.43 13.57 11.85
C ARG A 209 9.60 14.56 11.69
N PRO A 210 10.44 14.75 12.76
CA PRO A 210 11.58 15.65 12.57
C PRO A 210 12.52 15.28 11.41
N LEU A 211 12.79 13.99 11.22
CA LEU A 211 13.59 13.54 10.08
C LEU A 211 12.90 13.86 8.75
N TYR A 212 11.59 13.68 8.69
CA TYR A 212 10.84 14.05 7.48
C TYR A 212 11.02 15.54 7.15
N GLN A 213 10.94 16.39 8.16
CA GLN A 213 11.10 17.84 7.99
C GLN A 213 12.46 18.19 7.41
N GLN A 214 13.49 17.47 7.83
CA GLN A 214 14.85 17.69 7.32
C GLN A 214 14.96 17.27 5.85
N ILE A 215 14.34 16.14 5.50
CA ILE A 215 14.34 15.65 4.12
C ILE A 215 13.57 16.62 3.23
N HIS A 216 12.39 17.03 3.70
CA HIS A 216 11.53 17.99 3.00
C HIS A 216 12.29 19.28 2.72
N GLY A 217 12.93 19.84 3.74
CA GLY A 217 13.70 21.08 3.62
C GLY A 217 14.83 20.99 2.61
N TYR A 218 15.57 19.87 2.66
CA TYR A 218 16.68 19.66 1.73
C TYR A 218 16.21 19.47 0.29
N VAL A 219 15.14 18.71 0.11
CA VAL A 219 14.56 18.51 -1.22
C VAL A 219 14.09 19.84 -1.83
N ARG A 220 13.41 20.65 -1.03
CA ARG A 220 12.92 21.96 -1.45
C ARG A 220 14.08 22.87 -1.89
N PHE A 221 15.15 22.87 -1.10
CA PHE A 221 16.38 23.61 -1.41
C PHE A 221 16.95 23.19 -2.75
N ARG A 222 17.03 21.88 -2.98
CA ARG A 222 17.57 21.34 -4.23
C ARG A 222 16.66 21.61 -5.44
N LEU A 223 15.35 21.57 -5.23
CA LEU A 223 14.39 21.90 -6.28
C LEU A 223 14.46 23.37 -6.69
N ARG A 224 14.75 24.26 -5.74
CA ARG A 224 14.92 25.69 -6.01
C ARG A 224 16.12 25.95 -6.93
N LYS A 225 17.18 25.17 -6.75
CA LYS A 225 18.37 25.27 -7.58
C LYS A 225 18.10 24.78 -9.00
N HIS A 226 17.17 23.82 -9.12
CA HIS A 226 16.80 23.25 -10.42
C HIS A 226 15.78 24.12 -11.17
N TYR A 227 14.67 24.43 -10.52
CA TYR A 227 13.55 25.12 -11.18
C TYR A 227 13.57 26.66 -11.02
N GLY A 228 14.33 27.15 -10.06
CA GLY A 228 14.36 28.59 -9.76
C GLY A 228 13.30 28.97 -8.73
N ASP A 229 13.44 30.17 -8.18
CA ASP A 229 12.55 30.63 -7.11
C ASP A 229 11.17 31.10 -7.59
N ALA A 230 11.01 31.24 -8.90
CA ALA A 230 9.69 31.54 -9.47
C ALA A 230 8.75 30.34 -9.37
N VAL A 231 9.32 29.13 -9.38
CA VAL A 231 8.57 27.88 -9.32
C VAL A 231 8.49 27.31 -7.89
N VAL A 232 9.60 27.37 -7.16
CA VAL A 232 9.67 26.83 -5.80
C VAL A 232 10.12 27.92 -4.82
N SER A 233 9.31 28.16 -3.79
CA SER A 233 9.67 29.14 -2.77
C SER A 233 10.44 28.49 -1.62
N GLU A 234 11.23 29.29 -0.91
CA GLU A 234 12.02 28.79 0.21
C GLU A 234 11.16 28.41 1.40
N THR A 235 10.09 29.17 1.63
CA THR A 235 9.34 29.08 2.86
C THR A 235 7.97 28.41 2.72
N GLY A 236 7.53 28.19 1.49
CA GLY A 236 6.19 27.62 1.24
C GLY A 236 6.20 26.11 1.05
N PRO A 237 5.00 25.49 1.03
CA PRO A 237 4.89 24.07 0.71
C PRO A 237 5.43 23.82 -0.68
N ILE A 238 5.99 22.62 -0.90
CA ILE A 238 6.52 22.25 -2.20
C ILE A 238 5.39 21.99 -3.20
N PRO A 239 5.46 22.62 -4.41
CA PRO A 239 4.51 22.28 -5.48
C PRO A 239 4.66 20.82 -5.84
N MET A 240 3.57 20.06 -5.66
CA MET A 240 3.63 18.60 -5.63
C MET A 240 3.95 17.92 -6.96
N HIS A 241 3.66 18.61 -8.06
CA HIS A 241 3.89 18.08 -9.41
C HIS A 241 5.37 17.96 -9.76
N LEU A 242 6.24 18.52 -8.91
CA LEU A 242 7.69 18.46 -9.12
C LEU A 242 8.35 17.28 -8.43
N LEU A 243 7.55 16.45 -7.75
CA LEU A 243 8.10 15.41 -6.87
C LEU A 243 8.16 14.01 -7.49
N GLY A 244 7.87 13.92 -8.79
CA GLY A 244 8.05 12.68 -9.54
C GLY A 244 6.96 11.63 -9.38
N ASN A 245 5.87 12.00 -8.73
CA ASN A 245 4.76 11.08 -8.46
C ASN A 245 3.45 11.86 -8.45
N MET A 246 2.41 11.29 -9.08
CA MET A 246 1.11 11.94 -9.20
C MET A 246 0.50 12.41 -7.87
N TRP A 247 0.82 11.69 -6.80
CA TRP A 247 0.27 11.95 -5.46
C TRP A 247 1.35 12.43 -4.48
N ALA A 248 2.56 12.63 -5.00
CA ALA A 248 3.75 12.98 -4.21
C ALA A 248 3.99 12.05 -3.01
N GLN A 249 3.60 10.79 -3.16
CA GLN A 249 3.69 9.84 -2.04
C GLN A 249 5.09 9.29 -1.85
N GLN A 250 5.91 9.31 -2.90
CA GLN A 250 7.25 8.81 -2.92
C GLN A 250 8.01 9.75 -3.89
N TRP A 251 9.21 10.16 -3.54
CA TRP A 251 9.94 11.13 -4.36
C TRP A 251 11.18 10.57 -5.05
N SER A 252 11.32 9.25 -5.08
CA SER A 252 12.55 8.62 -5.59
C SER A 252 12.81 8.92 -7.06
N GLU A 253 11.77 9.24 -7.83
CA GLU A 253 11.91 9.55 -9.26
C GLU A 253 12.69 10.85 -9.53
N ILE A 254 12.80 11.72 -8.54
CA ILE A 254 13.60 12.95 -8.70
C ILE A 254 14.96 12.90 -7.99
N ALA A 255 15.38 11.70 -7.59
CA ALA A 255 16.66 11.51 -6.92
C ALA A 255 17.85 12.07 -7.70
N ASP A 256 17.81 11.98 -9.03
CA ASP A 256 18.91 12.47 -9.88
C ASP A 256 19.16 13.98 -9.75
N ILE A 257 18.16 14.73 -9.32
CA ILE A 257 18.32 16.18 -9.15
C ILE A 257 18.41 16.65 -7.67
N VAL A 258 18.14 15.75 -6.73
CA VAL A 258 18.19 16.10 -5.30
C VAL A 258 19.18 15.27 -4.47
N SER A 259 19.95 14.39 -5.13
CA SER A 259 20.88 13.51 -4.43
C SER A 259 22.00 14.28 -3.76
N PRO A 260 22.34 13.93 -2.51
CA PRO A 260 23.37 14.58 -1.71
C PRO A 260 24.71 14.74 -2.44
N PHE A 261 25.15 13.71 -3.15
CA PHE A 261 26.43 13.74 -3.85
C PHE A 261 26.25 13.35 -5.33
N PRO A 262 26.01 14.34 -6.19
CA PRO A 262 25.69 14.12 -7.61
C PRO A 262 26.85 13.55 -8.42
N GLU A 263 28.08 13.72 -7.94
CA GLU A 263 29.26 13.19 -8.62
C GLU A 263 29.55 11.74 -8.23
N LYS A 264 28.77 11.23 -7.27
CA LYS A 264 28.94 9.87 -6.78
C LYS A 264 27.75 9.01 -7.21
N PRO A 265 27.93 7.68 -7.26
CA PRO A 265 26.89 6.79 -7.81
C PRO A 265 25.52 6.91 -7.15
N LEU A 266 24.50 6.86 -7.98
CA LEU A 266 23.11 6.77 -7.55
C LEU A 266 22.50 5.57 -8.26
N VAL A 267 21.99 4.62 -7.48
CA VAL A 267 21.49 3.36 -8.04
C VAL A 267 20.19 3.56 -8.81
N ASP A 268 20.24 3.23 -10.10
CA ASP A 268 19.08 3.26 -10.99
C ASP A 268 19.30 2.20 -12.06
N VAL A 269 18.77 1.00 -11.80
CA VAL A 269 19.10 -0.18 -12.62
C VAL A 269 18.20 -0.42 -13.83
N SER A 270 17.22 0.47 -14.05
CA SER A 270 16.27 0.32 -15.16
C SER A 270 16.95 0.16 -16.51
N ALA A 271 17.98 0.98 -16.76
CA ALA A 271 18.73 0.92 -18.02
C ALA A 271 19.42 -0.43 -18.23
N GLU A 272 20.06 -0.95 -17.18
CA GLU A 272 20.74 -2.25 -17.25
C GLU A 272 19.76 -3.42 -17.39
N MET A 273 18.56 -3.28 -16.80
CA MET A 273 17.50 -4.27 -16.97
C MET A 273 17.12 -4.39 -18.45
N GLU A 274 16.92 -3.25 -19.11
CA GLU A 274 16.61 -3.23 -20.54
C GLU A 274 17.76 -3.77 -21.39
N LYS A 275 18.99 -3.38 -21.04
CA LYS A 275 20.19 -3.82 -21.77
C LYS A 275 20.39 -5.33 -21.70
N GLN A 276 20.03 -5.93 -20.57
CA GLN A 276 20.18 -7.37 -20.38
C GLN A 276 18.98 -8.19 -20.88
N GLY A 277 17.98 -7.50 -21.43
CA GLY A 277 16.82 -8.16 -22.03
C GLY A 277 15.78 -8.67 -21.05
N TYR A 278 15.67 -7.99 -19.91
CA TYR A 278 14.63 -8.30 -18.91
C TYR A 278 13.23 -8.21 -19.49
N THR A 279 12.38 -9.14 -19.06
CA THR A 279 10.98 -9.17 -19.42
C THR A 279 10.17 -9.25 -18.12
N PRO A 280 8.86 -8.93 -18.18
CA PRO A 280 7.98 -9.17 -17.03
C PRO A 280 8.09 -10.59 -16.50
N LEU A 281 8.12 -11.58 -17.40
CA LEU A 281 8.25 -12.98 -16.99
C LEU A 281 9.52 -13.22 -16.17
N LYS A 282 10.65 -12.69 -16.64
CA LYS A 282 11.93 -12.83 -15.93
C LYS A 282 11.91 -12.18 -14.55
N MET A 283 11.23 -11.03 -14.45
CA MET A 283 11.13 -10.31 -13.18
C MET A 283 10.37 -11.14 -12.13
N PHE A 284 9.25 -11.72 -12.54
CA PHE A 284 8.47 -12.60 -11.65
C PHE A 284 9.22 -13.88 -11.31
N GLN A 285 9.97 -14.42 -12.27
CA GLN A 285 10.80 -15.62 -12.03
C GLN A 285 11.90 -15.33 -11.01
N MET A 286 12.47 -14.13 -11.07
CA MET A 286 13.50 -13.69 -10.12
C MET A 286 12.94 -13.48 -8.71
N GLY A 287 11.71 -12.96 -8.65
CA GLY A 287 11.01 -12.82 -7.38
C GLY A 287 10.74 -14.19 -6.77
N ASP A 288 10.22 -15.10 -7.59
CA ASP A 288 10.01 -16.50 -7.21
C ASP A 288 11.30 -17.10 -6.64
N ASP A 289 12.41 -16.90 -7.36
CA ASP A 289 13.73 -17.36 -6.94
C ASP A 289 14.15 -16.82 -5.57
N PHE A 290 13.87 -15.55 -5.30
CA PHE A 290 14.24 -14.95 -4.01
C PHE A 290 13.53 -15.67 -2.86
N PHE A 291 12.23 -15.91 -3.02
CA PHE A 291 11.44 -16.59 -1.99
C PHE A 291 11.91 -18.01 -1.76
N THR A 292 12.09 -18.77 -2.84
CA THR A 292 12.53 -20.17 -2.74
C THR A 292 13.95 -20.28 -2.18
N SER A 293 14.77 -19.25 -2.39
CA SER A 293 16.14 -19.22 -1.87
C SER A 293 16.15 -19.12 -0.34
N MET A 294 15.09 -18.55 0.21
CA MET A 294 14.91 -18.44 1.65
C MET A 294 14.18 -19.67 2.22
N ASN A 295 14.03 -20.70 1.38
CA ASN A 295 13.33 -21.94 1.75
C ASN A 295 11.83 -21.70 1.97
N LEU A 296 11.28 -20.75 1.22
CA LEU A 296 9.85 -20.48 1.23
C LEU A 296 9.20 -21.10 -0.01
N THR A 297 7.89 -20.94 -0.14
CA THR A 297 7.11 -21.68 -1.12
C THR A 297 7.21 -21.15 -2.55
N LYS A 298 7.52 -22.08 -3.46
CA LYS A 298 7.57 -21.86 -4.91
C LYS A 298 6.18 -21.53 -5.45
N LEU A 299 6.12 -20.65 -6.44
CA LEU A 299 4.85 -20.32 -7.09
C LEU A 299 4.28 -21.55 -7.80
N PRO A 300 2.98 -21.84 -7.56
CA PRO A 300 2.28 -22.97 -8.18
C PRO A 300 2.02 -22.74 -9.66
N GLN A 301 1.68 -23.81 -10.38
CA GLN A 301 1.46 -23.72 -11.83
C GLN A 301 0.27 -22.82 -12.18
N ASP A 302 -0.77 -22.85 -11.37
CA ASP A 302 -1.93 -21.96 -11.54
C ASP A 302 -1.53 -20.49 -11.63
N PHE A 303 -0.55 -20.08 -10.84
CA PHE A 303 -0.06 -18.71 -10.86
C PHE A 303 0.44 -18.34 -12.26
N TRP A 304 1.33 -19.16 -12.82
CA TRP A 304 1.89 -18.91 -14.15
C TRP A 304 0.83 -18.99 -15.24
N ASP A 305 -0.07 -19.98 -15.12
CA ASP A 305 -1.13 -20.20 -16.11
C ASP A 305 -2.16 -19.09 -16.15
N LYS A 306 -2.46 -18.50 -14.99
CA LYS A 306 -3.64 -17.64 -14.86
C LYS A 306 -3.36 -16.16 -14.57
N SER A 307 -2.14 -15.83 -14.14
CA SER A 307 -1.78 -14.45 -13.85
C SER A 307 -1.75 -13.59 -15.12
N ILE A 308 -1.93 -12.29 -14.95
CA ILE A 308 -1.74 -11.32 -16.02
C ILE A 308 -0.57 -10.46 -15.62
N ILE A 309 0.55 -10.60 -16.32
CA ILE A 309 1.77 -9.90 -15.94
C ILE A 309 2.21 -8.85 -16.97
N GLU A 310 1.39 -8.63 -17.99
CA GLU A 310 1.61 -7.58 -18.98
C GLU A 310 0.28 -6.94 -19.31
N LYS A 311 0.30 -5.63 -19.60
CA LYS A 311 -0.90 -4.94 -20.03
C LYS A 311 -1.37 -5.52 -21.36
N PRO A 312 -2.64 -5.95 -21.44
CA PRO A 312 -3.25 -6.47 -22.66
C PRO A 312 -3.13 -5.47 -23.82
N THR A 313 -2.89 -5.99 -25.02
CA THR A 313 -2.66 -5.15 -26.20
C THR A 313 -3.93 -4.90 -27.03
N ASP A 314 -5.03 -5.55 -26.64
CA ASP A 314 -6.32 -5.31 -27.29
C ASP A 314 -6.93 -3.97 -26.81
N GLY A 315 -8.13 -3.66 -27.28
CA GLY A 315 -8.73 -2.36 -26.97
C GLY A 315 -9.31 -2.20 -25.57
N ARG A 316 -9.26 -3.28 -24.77
CA ARG A 316 -10.09 -3.39 -23.57
C ARG A 316 -9.73 -2.47 -22.41
N ASP A 317 -10.75 -2.17 -21.59
CA ASP A 317 -10.55 -1.46 -20.34
C ASP A 317 -10.26 -2.47 -19.25
N LEU A 318 -9.37 -2.09 -18.32
CA LEU A 318 -9.03 -2.92 -17.16
C LEU A 318 -8.45 -2.07 -16.04
N VAL A 319 -8.38 -2.66 -14.85
CA VAL A 319 -7.68 -2.05 -13.72
C VAL A 319 -6.21 -2.47 -13.80
N CYS A 320 -5.32 -1.54 -14.14
CA CYS A 320 -3.90 -1.84 -14.22
C CYS A 320 -3.19 -1.76 -12.87
N HIS A 321 -3.78 -1.02 -11.92
CA HIS A 321 -3.20 -0.93 -10.59
C HIS A 321 -2.89 -2.33 -10.05
N ALA A 322 -1.61 -2.58 -9.79
CA ALA A 322 -1.11 -3.92 -9.45
C ALA A 322 -1.80 -4.53 -8.23
N SER A 323 -2.11 -5.82 -8.32
CA SER A 323 -2.81 -6.52 -7.24
C SER A 323 -2.53 -8.01 -7.23
N ALA A 324 -2.68 -8.60 -6.03
CA ALA A 324 -2.46 -10.04 -5.82
C ALA A 324 -3.74 -10.66 -5.28
N TRP A 325 -4.06 -11.86 -5.75
CA TRP A 325 -5.38 -12.44 -5.58
C TRP A 325 -5.31 -13.85 -5.00
N ASP A 326 -6.15 -14.09 -3.99
CA ASP A 326 -6.29 -15.39 -3.37
C ASP A 326 -7.69 -15.92 -3.73
N PHE A 327 -7.73 -17.13 -4.27
CA PHE A 327 -9.00 -17.70 -4.73
C PHE A 327 -9.60 -18.73 -3.77
N TYR A 328 -8.90 -18.94 -2.66
CA TYR A 328 -9.41 -19.69 -1.49
C TYR A 328 -9.65 -21.18 -1.72
N LEU A 329 -8.96 -21.75 -2.69
CA LEU A 329 -8.91 -23.19 -2.88
C LEU A 329 -7.52 -23.66 -2.43
N THR A 330 -6.87 -24.48 -3.25
CA THR A 330 -5.48 -24.86 -3.02
C THR A 330 -4.65 -24.40 -4.22
N ASP A 331 -3.66 -23.55 -3.97
CA ASP A 331 -2.69 -23.11 -4.97
C ASP A 331 -3.23 -22.24 -6.10
N ASP A 332 -4.49 -21.85 -6.05
CA ASP A 332 -5.02 -20.90 -7.03
C ASP A 332 -4.79 -19.49 -6.50
N VAL A 333 -3.62 -18.96 -6.82
CA VAL A 333 -3.23 -17.59 -6.49
C VAL A 333 -2.73 -16.89 -7.76
N ARG A 334 -2.99 -15.58 -7.87
CA ARG A 334 -2.74 -14.85 -9.12
C ARG A 334 -2.31 -13.42 -8.86
N ILE A 335 -1.52 -12.88 -9.80
CA ILE A 335 -1.23 -11.45 -9.82
C ILE A 335 -1.74 -10.86 -11.12
N LYS A 336 -2.27 -9.64 -11.03
CA LYS A 336 -2.57 -8.84 -12.20
C LYS A 336 -1.75 -7.57 -12.10
N GLN A 337 -0.76 -7.44 -12.98
CA GLN A 337 0.15 -6.31 -12.99
C GLN A 337 0.48 -5.93 -14.43
N CYS A 338 0.40 -4.64 -14.73
CA CYS A 338 0.78 -4.12 -16.05
C CYS A 338 2.27 -3.80 -16.01
N THR A 339 3.07 -4.87 -15.98
CA THR A 339 4.49 -4.80 -15.65
C THR A 339 5.32 -4.06 -16.70
N ARG A 340 6.14 -3.14 -16.23
CA ARG A 340 7.13 -2.46 -17.05
C ARG A 340 8.51 -2.85 -16.55
N VAL A 341 9.50 -2.76 -17.42
CA VAL A 341 10.87 -3.13 -17.06
C VAL A 341 11.61 -1.92 -16.48
N THR A 342 11.40 -1.69 -15.18
CA THR A 342 12.04 -0.59 -14.45
C THR A 342 12.41 -1.07 -13.04
N GLN A 343 13.29 -0.32 -12.38
CA GLN A 343 13.69 -0.62 -11.00
C GLN A 343 12.50 -0.59 -10.06
N ASP A 344 11.69 0.47 -10.17
CA ASP A 344 10.49 0.64 -9.34
C ASP A 344 9.57 -0.57 -9.49
N GLN A 345 9.40 -1.03 -10.72
CA GLN A 345 8.55 -2.17 -11.03
C GLN A 345 9.08 -3.50 -10.49
N LEU A 346 10.40 -3.64 -10.44
CA LEU A 346 11.03 -4.81 -9.83
C LEU A 346 10.68 -4.92 -8.35
N PHE A 347 10.65 -3.77 -7.66
CA PHE A 347 10.18 -3.73 -6.27
C PHE A 347 8.70 -4.08 -6.18
N THR A 348 7.89 -3.53 -7.08
CA THR A 348 6.46 -3.81 -7.12
C THR A 348 6.16 -5.30 -7.29
N VAL A 349 6.91 -5.96 -8.18
CA VAL A 349 6.79 -7.41 -8.36
C VAL A 349 7.01 -8.15 -7.04
N HIS A 350 8.07 -7.76 -6.31
CA HIS A 350 8.39 -8.37 -5.02
C HIS A 350 7.33 -8.09 -3.96
N HIS A 351 6.80 -6.86 -3.97
CA HIS A 351 5.69 -6.50 -3.08
C HIS A 351 4.47 -7.41 -3.29
N GLU A 352 4.08 -7.59 -4.54
CA GLU A 352 2.90 -8.40 -4.89
C GLU A 352 3.12 -9.89 -4.60
N LEU A 353 4.34 -10.36 -4.87
CA LEU A 353 4.70 -11.75 -4.55
C LEU A 353 4.73 -12.02 -3.05
N GLY A 354 4.96 -10.97 -2.26
CA GLY A 354 4.87 -11.05 -0.80
C GLY A 354 3.45 -11.42 -0.33
N HIS A 355 2.45 -10.79 -0.96
CA HIS A 355 1.05 -11.14 -0.75
C HIS A 355 0.79 -12.60 -1.12
N ILE A 356 1.26 -12.99 -2.31
CA ILE A 356 1.10 -14.36 -2.80
C ILE A 356 1.68 -15.39 -1.83
N GLN A 357 2.88 -15.11 -1.32
CA GLN A 357 3.52 -16.00 -0.35
C GLN A 357 2.69 -16.16 0.92
N TYR A 358 2.13 -15.05 1.41
CA TYR A 358 1.26 -15.09 2.58
C TYR A 358 0.06 -15.99 2.31
N PHE A 359 -0.56 -15.83 1.13
CA PHE A 359 -1.71 -16.66 0.72
C PHE A 359 -1.36 -18.15 0.80
N LEU A 360 -0.21 -18.51 0.23
CA LEU A 360 0.24 -19.90 0.18
C LEU A 360 0.59 -20.43 1.56
N GLN A 361 1.17 -19.57 2.40
CA GLN A 361 1.60 -19.94 3.75
C GLN A 361 0.44 -20.26 4.69
N TYR A 362 -0.70 -19.59 4.51
CA TYR A 362 -1.84 -19.81 5.39
C TYR A 362 -3.04 -20.52 4.74
N GLN A 363 -2.86 -21.10 3.56
CA GLN A 363 -4.00 -21.71 2.85
C GLN A 363 -4.57 -22.97 3.54
N HIS A 364 -3.81 -23.54 4.47
CA HIS A 364 -4.24 -24.71 5.26
C HIS A 364 -5.11 -24.31 6.45
N GLN A 365 -5.15 -23.01 6.77
CA GLN A 365 -5.95 -22.49 7.89
C GLN A 365 -7.44 -22.51 7.59
N PRO A 366 -8.30 -22.54 8.63
CA PRO A 366 -9.72 -22.33 8.35
C PRO A 366 -9.94 -20.99 7.64
N PHE A 367 -10.97 -20.92 6.79
CA PHE A 367 -11.24 -19.74 5.98
C PHE A 367 -11.10 -18.40 6.70
N VAL A 368 -11.70 -18.29 7.89
CA VAL A 368 -11.72 -17.00 8.61
C VAL A 368 -10.31 -16.54 9.02
N TYR A 369 -9.38 -17.49 9.07
CA TYR A 369 -7.98 -17.21 9.42
C TYR A 369 -7.08 -17.01 8.19
N ARG A 370 -7.66 -17.14 7.00
CA ARG A 370 -6.91 -16.98 5.76
C ARG A 370 -6.84 -15.51 5.33
N THR A 371 -6.15 -14.73 6.15
CA THR A 371 -5.87 -13.32 5.92
C THR A 371 -4.69 -12.94 6.80
N GLY A 372 -4.19 -11.71 6.68
CA GLY A 372 -3.02 -11.29 7.46
C GLY A 372 -3.29 -11.15 8.96
N ALA A 373 -2.23 -11.22 9.76
CA ALA A 373 -2.32 -11.04 11.21
C ALA A 373 -2.98 -9.70 11.54
N ASN A 374 -2.56 -8.67 10.82
CA ASN A 374 -3.34 -7.45 10.61
C ASN A 374 -3.04 -6.93 9.20
N PRO A 375 -3.87 -5.99 8.67
CA PRO A 375 -3.65 -5.62 7.27
C PRO A 375 -2.23 -5.12 6.97
N GLY A 376 -1.58 -4.49 7.94
CA GLY A 376 -0.19 -4.03 7.79
C GLY A 376 0.81 -5.16 7.57
N PHE A 377 0.56 -6.30 8.22
CA PHE A 377 1.43 -7.47 8.05
C PHE A 377 1.46 -7.93 6.60
N HIS A 378 0.29 -7.97 5.96
CA HIS A 378 0.19 -8.41 4.58
C HIS A 378 1.01 -7.51 3.65
N GLU A 379 0.97 -6.20 3.91
CA GLU A 379 1.68 -5.22 3.09
C GLU A 379 3.20 -5.23 3.32
N ALA A 380 3.63 -5.72 4.48
CA ALA A 380 5.05 -5.68 4.84
C ALA A 380 5.90 -6.77 4.19
N VAL A 381 5.29 -7.94 3.96
CA VAL A 381 6.03 -9.14 3.53
C VAL A 381 6.96 -8.88 2.35
N GLY A 382 6.38 -8.44 1.23
CA GLY A 382 7.13 -8.22 -0.01
C GLY A 382 8.12 -7.09 0.10
N ASP A 383 7.77 -6.07 0.89
CA ASP A 383 8.66 -4.91 1.09
C ASP A 383 9.94 -5.28 1.82
N VAL A 384 9.87 -6.25 2.73
CA VAL A 384 11.06 -6.75 3.42
C VAL A 384 12.08 -7.29 2.42
N LEU A 385 11.61 -8.04 1.43
CA LEU A 385 12.49 -8.57 0.39
C LEU A 385 12.99 -7.46 -0.53
N SER A 386 12.09 -6.53 -0.86
CA SER A 386 12.43 -5.38 -1.71
C SER A 386 13.54 -4.52 -1.08
N LEU A 387 13.53 -4.40 0.24
CA LEU A 387 14.59 -3.71 0.96
C LEU A 387 15.94 -4.38 0.70
N SER A 388 15.94 -5.71 0.60
CA SER A 388 17.15 -6.46 0.27
C SER A 388 17.51 -6.35 -1.20
N VAL A 389 16.53 -6.48 -2.10
CA VAL A 389 16.85 -6.41 -3.53
C VAL A 389 17.37 -5.01 -3.93
N SER A 390 17.00 -3.99 -3.15
CA SER A 390 17.39 -2.61 -3.43
C SER A 390 18.84 -2.28 -3.03
N THR A 391 19.47 -3.13 -2.23
CA THR A 391 20.83 -2.89 -1.75
C THR A 391 21.83 -3.01 -2.90
N PRO A 392 22.89 -2.19 -2.87
CA PRO A 392 24.02 -2.38 -3.77
C PRO A 392 24.54 -3.83 -3.71
N LYS A 393 24.58 -4.41 -2.51
CA LYS A 393 25.00 -5.80 -2.31
C LYS A 393 24.24 -6.76 -3.24
N HIS A 394 22.91 -6.75 -3.18
CA HIS A 394 22.11 -7.65 -4.01
C HIS A 394 22.20 -7.33 -5.49
N LEU A 395 22.10 -6.04 -5.83
CA LEU A 395 22.06 -5.61 -7.22
C LEU A 395 23.36 -5.91 -7.98
N GLU A 396 24.48 -5.91 -7.25
CA GLU A 396 25.76 -6.35 -7.79
C GLU A 396 25.77 -7.85 -8.06
N LYS A 397 25.20 -8.63 -7.15
CA LYS A 397 25.09 -10.10 -7.31
C LYS A 397 24.37 -10.50 -8.60
N ILE A 398 23.28 -9.79 -8.90
CA ILE A 398 22.49 -10.08 -10.09
C ILE A 398 22.95 -9.28 -11.31
N GLY A 399 24.10 -8.61 -11.18
CA GLY A 399 24.75 -7.94 -12.29
C GLY A 399 24.00 -6.75 -12.86
N LEU A 400 23.10 -6.17 -12.08
CA LEU A 400 22.35 -4.99 -12.51
C LEU A 400 23.06 -3.69 -12.13
N LEU A 401 24.00 -3.78 -11.19
CA LEU A 401 24.77 -2.62 -10.74
C LEU A 401 26.26 -2.86 -10.97
N LYS A 402 26.84 -2.05 -11.84
CA LYS A 402 28.23 -2.25 -12.29
C LYS A 402 29.16 -1.12 -11.87
N ASP A 403 30.42 -1.50 -11.57
CA ASP A 403 31.49 -0.55 -11.22
C ASP A 403 31.10 0.39 -10.08
N TYR A 404 30.49 -0.18 -9.04
CA TYR A 404 29.99 0.58 -7.90
C TYR A 404 31.01 0.56 -6.78
N VAL A 405 31.44 1.74 -6.36
CA VAL A 405 32.30 1.88 -5.19
C VAL A 405 31.44 2.40 -4.04
N ARG A 406 31.37 1.61 -2.97
CA ARG A 406 30.52 1.94 -1.82
C ARG A 406 31.31 2.71 -0.76
N ASP A 407 31.65 3.96 -1.06
CA ASP A 407 32.26 4.83 -0.06
C ASP A 407 31.19 5.55 0.77
N ASP A 408 31.62 6.43 1.67
CA ASP A 408 30.72 7.16 2.56
C ASP A 408 29.69 8.01 1.80
N GLU A 409 30.10 8.60 0.68
CA GLU A 409 29.24 9.47 -0.11
C GLU A 409 28.19 8.68 -0.90
N ALA A 410 28.61 7.55 -1.48
CA ALA A 410 27.68 6.65 -2.16
C ALA A 410 26.65 6.08 -1.18
N ARG A 411 27.08 5.81 0.05
CA ARG A 411 26.20 5.28 1.10
C ARG A 411 25.11 6.28 1.47
N ILE A 412 25.49 7.55 1.60
CA ILE A 412 24.53 8.64 1.87
C ILE A 412 23.54 8.78 0.73
N ASN A 413 24.03 8.70 -0.51
CA ASN A 413 23.17 8.73 -1.70
C ASN A 413 22.10 7.63 -1.64
N GLN A 414 22.53 6.41 -1.33
CA GLN A 414 21.64 5.25 -1.26
C GLN A 414 20.65 5.34 -0.09
N LEU A 415 21.14 5.76 1.08
CA LEU A 415 20.27 6.02 2.23
C LEU A 415 19.23 7.09 1.93
N PHE A 416 19.66 8.16 1.26
CA PHE A 416 18.75 9.25 0.88
C PHE A 416 17.70 8.75 -0.10
N LEU A 417 18.15 8.00 -1.11
CA LEU A 417 17.26 7.40 -2.10
C LEU A 417 16.19 6.54 -1.42
N THR A 418 16.61 5.72 -0.46
CA THR A 418 15.68 4.87 0.28
C THR A 418 14.66 5.71 1.07
N ALA A 419 15.14 6.76 1.73
CA ALA A 419 14.29 7.65 2.53
C ALA A 419 13.27 8.40 1.69
N LEU A 420 13.62 8.71 0.44
CA LEU A 420 12.71 9.39 -0.48
C LEU A 420 11.46 8.54 -0.73
N ASP A 421 11.60 7.24 -0.54
CA ASP A 421 10.45 6.33 -0.60
C ASP A 421 9.90 6.04 0.80
N LYS A 422 10.76 5.66 1.74
CA LYS A 422 10.30 5.13 3.03
C LYS A 422 9.88 6.17 4.07
N ILE A 423 10.61 7.28 4.18
CA ILE A 423 10.26 8.32 5.16
C ILE A 423 9.17 9.25 4.61
N VAL A 424 9.36 9.72 3.38
CA VAL A 424 8.42 10.62 2.69
C VAL A 424 6.99 10.07 2.68
N PHE A 425 6.88 8.74 2.55
CA PHE A 425 5.60 8.05 2.47
C PHE A 425 4.76 8.12 3.74
N LEU A 426 5.43 8.21 4.89
CA LEU A 426 4.74 8.09 6.18
C LEU A 426 3.67 9.17 6.41
N PRO A 427 4.02 10.46 6.26
CA PRO A 427 2.91 11.42 6.40
C PRO A 427 1.86 11.26 5.30
N PHE A 428 2.28 10.89 4.09
CA PHE A 428 1.31 10.65 3.02
C PHE A 428 0.28 9.60 3.44
N ALA A 429 0.78 8.44 3.88
CA ALA A 429 -0.08 7.31 4.23
C ALA A 429 -1.01 7.67 5.38
N PHE A 430 -0.48 8.35 6.39
CA PHE A 430 -1.29 8.77 7.54
C PHE A 430 -2.47 9.66 7.08
N THR A 431 -2.20 10.59 6.15
CA THR A 431 -3.26 11.53 5.70
C THR A 431 -4.39 10.88 4.92
N MET A 432 -4.08 9.82 4.15
CA MET A 432 -5.11 9.13 3.38
C MET A 432 -6.25 8.68 4.30
N ASP A 433 -5.90 8.08 5.43
CA ASP A 433 -6.92 7.64 6.38
C ASP A 433 -7.37 8.70 7.38
N LYS A 434 -6.49 9.60 7.79
CA LYS A 434 -6.93 10.74 8.61
C LYS A 434 -8.06 11.48 7.89
N TYR A 435 -7.92 11.66 6.57
CA TYR A 435 -8.94 12.33 5.77
C TYR A 435 -10.24 11.55 5.74
N ARG A 436 -10.16 10.29 5.33
CA ARG A 436 -11.36 9.45 5.23
C ARG A 436 -12.03 9.22 6.58
N TRP A 437 -11.24 9.02 7.64
CA TRP A 437 -11.78 8.90 8.99
C TRP A 437 -12.61 10.14 9.36
N SER A 438 -12.10 11.33 9.04
CA SER A 438 -12.78 12.57 9.41
C SER A 438 -14.13 12.72 8.69
N LEU A 439 -14.21 12.22 7.46
CA LEU A 439 -15.47 12.18 6.71
C LEU A 439 -16.41 11.14 7.27
N PHE A 440 -15.87 9.93 7.51
CA PHE A 440 -16.63 8.82 8.11
C PHE A 440 -17.25 9.23 9.45
N ARG A 441 -16.45 9.91 10.27
CA ARG A 441 -16.87 10.37 11.60
C ARG A 441 -17.77 11.62 11.58
N GLY A 442 -17.99 12.19 10.40
CA GLY A 442 -18.87 13.35 10.24
C GLY A 442 -18.27 14.61 10.85
N GLU A 443 -16.95 14.70 10.79
CA GLU A 443 -16.21 15.81 11.41
C GLU A 443 -16.03 16.99 10.46
N VAL A 444 -16.29 16.75 9.17
CA VAL A 444 -16.15 17.78 8.14
C VAL A 444 -17.47 17.94 7.39
N ASP A 445 -17.97 19.18 7.34
CA ASP A 445 -19.17 19.48 6.56
C ASP A 445 -18.89 19.31 5.07
N LYS A 446 -19.90 18.83 4.33
CA LYS A 446 -19.78 18.56 2.89
C LYS A 446 -19.23 19.75 2.09
N ALA A 447 -19.56 20.96 2.53
CA ALA A 447 -19.10 22.19 1.88
C ALA A 447 -17.59 22.40 2.00
N ASN A 448 -16.95 21.65 2.90
CA ASN A 448 -15.52 21.81 3.16
C ASN A 448 -14.66 20.59 2.84
N TRP A 449 -15.24 19.60 2.17
CA TRP A 449 -14.58 18.31 1.92
C TRP A 449 -13.28 18.38 1.12
N ASN A 450 -13.22 19.20 0.08
CA ASN A 450 -12.00 19.25 -0.72
C ASN A 450 -10.85 19.96 -0.04
N CYS A 451 -11.12 21.11 0.56
CA CYS A 451 -10.03 21.82 1.21
C CYS A 451 -9.59 21.13 2.49
N ALA A 452 -10.49 20.33 3.08
CA ALA A 452 -10.13 19.45 4.20
C ALA A 452 -9.05 18.45 3.79
N PHE A 453 -9.12 17.97 2.54
CA PHE A 453 -8.10 17.06 1.99
C PHE A 453 -6.76 17.77 1.87
N TRP A 454 -6.77 18.92 1.20
CA TRP A 454 -5.53 19.64 0.97
C TRP A 454 -4.93 20.23 2.25
N LYS A 455 -5.78 20.57 3.22
CA LYS A 455 -5.30 21.01 4.53
C LYS A 455 -4.44 19.95 5.21
N LEU A 456 -4.88 18.70 5.16
CA LEU A 456 -4.10 17.59 5.71
C LEU A 456 -2.79 17.37 4.98
N ARG A 457 -2.83 17.38 3.65
CA ARG A 457 -1.65 17.20 2.83
C ARG A 457 -0.61 18.30 3.12
N ASP A 458 -1.10 19.52 3.36
CA ASP A 458 -0.25 20.66 3.76
C ASP A 458 0.36 20.41 5.16
N GLU A 459 -0.51 20.24 6.15
CA GLU A 459 -0.09 20.10 7.55
C GLU A 459 0.94 18.97 7.78
N TYR A 460 0.72 17.83 7.13
CA TYR A 460 1.55 16.65 7.37
C TYR A 460 2.73 16.51 6.41
N SER A 461 2.48 16.70 5.12
CA SER A 461 3.51 16.48 4.11
C SER A 461 4.18 17.76 3.59
N GLY A 462 3.55 18.91 3.79
CA GLY A 462 4.13 20.17 3.33
C GLY A 462 4.22 20.25 1.82
N ILE A 463 3.20 19.70 1.17
CA ILE A 463 3.07 19.75 -0.28
C ILE A 463 1.74 20.41 -0.60
N GLU A 464 1.57 20.87 -1.84
CA GLU A 464 0.35 21.54 -2.27
C GLU A 464 0.16 21.32 -3.77
N PRO A 465 -1.09 21.50 -4.26
CA PRO A 465 -1.35 21.43 -5.70
C PRO A 465 -0.57 22.48 -6.50
N PRO A 466 -0.30 22.19 -7.79
CA PRO A 466 0.40 23.10 -8.69
C PRO A 466 -0.46 24.31 -9.06
N VAL A 467 -1.77 24.15 -8.99
CA VAL A 467 -2.72 25.20 -9.32
C VAL A 467 -3.70 25.37 -8.16
N VAL A 468 -4.38 26.52 -8.13
CA VAL A 468 -5.39 26.81 -7.12
C VAL A 468 -6.61 25.90 -7.29
N ARG A 469 -6.96 25.19 -6.23
CA ARG A 469 -8.14 24.33 -6.20
C ARG A 469 -9.21 24.97 -5.30
N SER A 470 -10.44 24.45 -5.38
CA SER A 470 -11.52 24.94 -4.53
C SER A 470 -12.51 23.83 -4.25
N GLU A 471 -13.61 24.17 -3.59
CA GLU A 471 -14.67 23.21 -3.33
C GLU A 471 -15.44 22.82 -4.59
N LYS A 472 -15.10 23.47 -5.70
CA LYS A 472 -15.61 23.09 -7.01
C LYS A 472 -14.88 21.86 -7.56
N ASP A 473 -13.68 21.59 -7.03
CA ASP A 473 -12.96 20.38 -7.36
C ASP A 473 -13.14 19.36 -6.24
N PHE A 474 -12.82 18.10 -6.53
CA PHE A 474 -12.81 17.04 -5.51
C PHE A 474 -11.69 16.07 -5.80
N ASP A 475 -10.58 16.24 -5.11
CA ASP A 475 -9.30 15.66 -5.52
C ASP A 475 -8.92 14.31 -4.89
N ALA A 476 -9.49 13.99 -3.73
CA ALA A 476 -9.19 12.74 -3.02
C ALA A 476 -9.28 11.45 -3.87
N PRO A 477 -10.39 11.26 -4.63
CA PRO A 477 -10.54 10.02 -5.41
C PRO A 477 -9.56 9.85 -6.57
N ALA A 478 -8.76 10.88 -6.86
CA ALA A 478 -7.68 10.77 -7.84
C ALA A 478 -6.61 9.74 -7.42
N LYS A 479 -6.65 9.32 -6.16
CA LYS A 479 -5.79 8.25 -5.64
C LYS A 479 -6.59 6.94 -5.67
N TYR A 480 -6.01 5.92 -6.30
CA TYR A 480 -6.68 4.65 -6.55
C TYR A 480 -7.48 4.13 -5.34
N HIS A 481 -6.81 3.99 -4.20
CA HIS A 481 -7.39 3.44 -3.00
C HIS A 481 -8.62 4.19 -2.50
N ILE A 482 -8.67 5.49 -2.77
CA ILE A 482 -9.81 6.29 -2.36
C ILE A 482 -11.02 6.01 -3.28
N SER A 483 -10.79 5.95 -4.58
CA SER A 483 -11.86 5.51 -5.52
C SER A 483 -12.26 4.04 -5.32
N ALA A 484 -11.29 3.20 -4.97
CA ALA A 484 -11.52 1.75 -4.86
C ALA A 484 -11.90 1.28 -3.46
N ASP A 485 -12.07 2.21 -2.53
CA ASP A 485 -12.46 1.90 -1.15
C ASP A 485 -11.52 0.87 -0.51
N VAL A 486 -10.23 1.16 -0.56
CA VAL A 486 -9.23 0.32 0.08
C VAL A 486 -8.61 1.09 1.24
N GLU A 487 -8.75 0.55 2.45
CA GLU A 487 -8.16 1.14 3.66
C GLU A 487 -6.67 1.39 3.44
N TYR A 488 -6.16 2.53 3.91
CA TYR A 488 -4.77 2.89 3.64
C TYR A 488 -3.82 2.77 4.81
N LEU A 489 -4.36 2.73 6.04
CA LEU A 489 -3.51 2.68 7.24
C LEU A 489 -2.57 1.47 7.25
N ARG A 490 -3.00 0.40 6.60
CA ARG A 490 -2.18 -0.79 6.38
C ARG A 490 -0.78 -0.44 5.88
N TYR A 491 -0.67 0.57 5.04
CA TYR A 491 0.63 0.93 4.45
C TYR A 491 1.51 1.70 5.44
N LEU A 492 0.89 2.55 6.26
CA LEU A 492 1.63 3.23 7.32
C LEU A 492 2.18 2.21 8.31
N VAL A 493 1.31 1.29 8.75
CA VAL A 493 1.71 0.20 9.63
C VAL A 493 2.85 -0.60 8.98
N SER A 494 2.66 -0.99 7.72
CA SER A 494 3.67 -1.74 6.97
C SER A 494 5.04 -1.06 6.95
N PHE A 495 5.05 0.22 6.58
CA PHE A 495 6.32 0.95 6.46
C PHE A 495 7.09 1.06 7.79
N ILE A 496 6.37 0.95 8.91
CA ILE A 496 7.00 0.88 10.23
C ILE A 496 7.47 -0.55 10.54
N ILE A 497 6.55 -1.51 10.50
CA ILE A 497 6.88 -2.88 10.90
C ILE A 497 7.80 -3.62 9.92
N GLN A 498 7.80 -3.23 8.66
CA GLN A 498 8.73 -3.86 7.69
C GLN A 498 10.20 -3.72 8.10
N PHE A 499 10.53 -2.67 8.86
CA PHE A 499 11.88 -2.46 9.36
C PHE A 499 12.19 -3.31 10.59
N GLN A 500 11.15 -3.57 11.39
CA GLN A 500 11.26 -4.54 12.49
C GLN A 500 11.54 -5.93 11.92
N PHE A 501 10.77 -6.32 10.91
CA PHE A 501 10.98 -7.58 10.21
C PHE A 501 12.34 -7.66 9.52
N TYR A 502 12.71 -6.59 8.82
CA TYR A 502 13.99 -6.52 8.10
C TYR A 502 15.19 -6.61 9.01
N LYS A 503 15.18 -5.83 10.09
CA LYS A 503 16.26 -5.82 11.07
C LYS A 503 16.47 -7.21 11.68
N SER A 504 15.36 -7.85 12.06
CA SER A 504 15.42 -9.20 12.64
C SER A 504 15.88 -10.25 11.63
N ALA A 505 15.33 -10.20 10.41
CA ALA A 505 15.74 -11.09 9.33
C ALA A 505 17.23 -10.98 9.03
N CYS A 506 17.73 -9.75 9.02
CA CYS A 506 19.15 -9.48 8.78
C CYS A 506 20.05 -9.98 9.92
N ILE A 507 19.60 -9.81 11.16
CA ILE A 507 20.33 -10.33 12.31
C ILE A 507 20.40 -11.86 12.24
N LYS A 508 19.25 -12.48 11.97
CA LYS A 508 19.15 -13.94 11.80
C LYS A 508 20.01 -14.46 10.66
N ALA A 509 20.13 -13.67 9.59
CA ALA A 509 20.93 -14.05 8.43
C ALA A 509 22.43 -13.82 8.63
N GLY A 510 22.79 -13.20 9.75
CA GLY A 510 24.17 -12.81 10.04
C GLY A 510 24.62 -11.64 9.17
N GLN A 511 23.65 -10.90 8.65
CA GLN A 511 23.90 -9.80 7.73
C GLN A 511 23.93 -8.43 8.41
N TYR A 512 23.52 -8.37 9.67
CA TYR A 512 23.53 -7.13 10.42
C TYR A 512 24.10 -7.28 11.82
N ASP A 513 25.13 -6.48 12.10
CA ASP A 513 25.72 -6.38 13.42
C ASP A 513 25.99 -4.90 13.64
N PRO A 514 25.30 -4.29 14.64
CA PRO A 514 25.44 -2.86 14.93
C PRO A 514 26.85 -2.43 15.34
N ASP A 515 27.68 -3.39 15.76
CA ASP A 515 29.05 -3.10 16.19
C ASP A 515 30.08 -3.47 15.12
N ASN A 516 29.61 -3.89 13.94
CA ASN A 516 30.49 -4.26 12.84
C ASN A 516 30.25 -3.36 11.62
N VAL A 517 31.25 -2.52 11.31
CA VAL A 517 31.19 -1.57 10.19
C VAL A 517 31.02 -2.26 8.82
N GLU A 518 31.41 -3.53 8.75
CA GLU A 518 31.32 -4.30 7.52
C GLU A 518 29.91 -4.84 7.26
N LEU A 519 29.05 -4.79 8.28
CA LEU A 519 27.67 -5.30 8.17
C LEU A 519 26.61 -4.28 8.59
N PRO A 520 26.45 -3.20 7.81
CA PRO A 520 25.45 -2.19 8.13
C PRO A 520 24.06 -2.64 7.70
N LEU A 521 23.03 -2.16 8.40
CA LEU A 521 21.66 -2.57 8.11
C LEU A 521 21.26 -2.21 6.67
N ASP A 522 21.76 -1.08 6.18
CA ASP A 522 21.38 -0.57 4.86
C ASP A 522 22.02 -1.28 3.66
N ASN A 523 22.88 -2.28 3.92
CA ASN A 523 23.42 -3.11 2.86
C ASN A 523 23.19 -4.62 3.09
N CYS A 524 22.18 -4.95 3.89
CA CYS A 524 21.84 -6.35 4.19
C CYS A 524 21.10 -7.02 3.03
N ASP A 525 21.56 -8.22 2.67
CA ASP A 525 20.89 -9.03 1.67
C ASP A 525 20.49 -10.37 2.28
N ILE A 526 19.19 -10.60 2.39
CA ILE A 526 18.67 -11.85 2.98
C ILE A 526 18.41 -12.95 1.94
N TYR A 527 18.84 -12.74 0.70
CA TYR A 527 18.75 -13.77 -0.32
C TYR A 527 19.46 -15.03 0.15
N GLY A 528 18.87 -16.19 -0.14
CA GLY A 528 19.46 -17.48 0.21
C GLY A 528 19.44 -17.85 1.68
N SER A 529 18.80 -17.03 2.51
CA SER A 529 18.81 -17.25 3.96
C SER A 529 17.62 -18.08 4.43
N ALA A 530 17.89 -19.35 4.74
CA ALA A 530 16.88 -20.26 5.28
C ALA A 530 16.41 -19.84 6.67
N ALA A 531 17.33 -19.27 7.45
CA ALA A 531 17.03 -18.77 8.79
C ALA A 531 16.00 -17.63 8.77
N ALA A 532 16.21 -16.67 7.88
CA ALA A 532 15.25 -15.57 7.70
C ALA A 532 13.91 -16.11 7.21
N GLY A 533 13.97 -17.05 6.26
CA GLY A 533 12.78 -17.70 5.74
C GLY A 533 11.99 -18.46 6.79
N ALA A 534 12.72 -19.08 7.72
CA ALA A 534 12.11 -19.83 8.83
C ALA A 534 11.27 -18.92 9.71
N ALA A 535 11.79 -17.73 10.02
CA ALA A 535 11.06 -16.73 10.79
C ALA A 535 9.77 -16.32 10.07
N PHE A 536 9.87 -16.10 8.76
CA PHE A 536 8.70 -15.81 7.92
C PHE A 536 7.69 -16.95 7.92
N HIS A 537 8.17 -18.18 7.76
CA HIS A 537 7.28 -19.33 7.79
C HIS A 537 6.51 -19.40 9.12
N ASN A 538 7.23 -19.26 10.23
CA ASN A 538 6.63 -19.25 11.57
C ASN A 538 5.48 -18.26 11.70
N MET A 539 5.67 -17.06 11.15
CA MET A 539 4.69 -15.99 11.29
C MET A 539 3.55 -16.11 10.27
N LEU A 540 3.92 -16.28 9.00
CA LEU A 540 2.95 -16.25 7.92
C LEU A 540 1.97 -17.43 7.96
N SER A 541 2.44 -18.59 8.42
CA SER A 541 1.60 -19.79 8.48
C SER A 541 0.44 -19.64 9.46
N MET A 542 0.59 -18.72 10.41
CA MET A 542 -0.44 -18.44 11.41
C MET A 542 -1.67 -17.78 10.80
N GLY A 543 -1.50 -17.05 9.71
CA GLY A 543 -2.58 -16.22 9.17
C GLY A 543 -3.12 -15.32 10.26
N ALA A 544 -4.45 -15.29 10.40
CA ALA A 544 -5.11 -14.49 11.43
C ALA A 544 -5.63 -15.34 12.60
N SER A 545 -5.00 -16.50 12.82
CA SER A 545 -5.39 -17.42 13.90
C SER A 545 -5.16 -16.87 15.30
N LYS A 546 -4.25 -15.91 15.41
CA LYS A 546 -3.93 -15.27 16.67
C LYS A 546 -3.85 -13.76 16.46
N PRO A 547 -4.12 -12.96 17.52
CA PRO A 547 -3.91 -11.51 17.44
C PRO A 547 -2.48 -11.20 17.01
N TRP A 548 -2.30 -10.10 16.28
CA TRP A 548 -1.03 -9.81 15.61
C TRP A 548 0.24 -9.76 16.49
N PRO A 549 0.13 -9.34 17.77
CA PRO A 549 1.34 -9.38 18.60
C PRO A 549 1.92 -10.79 18.80
N ASP A 550 1.05 -11.80 18.71
CA ASP A 550 1.48 -13.20 18.75
C ASP A 550 2.17 -13.62 17.46
N ALA A 551 1.74 -13.03 16.35
CA ALA A 551 2.36 -13.30 15.05
C ALA A 551 3.73 -12.62 14.94
N LEU A 552 3.83 -11.40 15.47
CA LEU A 552 5.13 -10.72 15.58
C LEU A 552 6.07 -11.51 16.48
N GLU A 553 5.54 -12.02 17.59
CA GLU A 553 6.34 -12.80 18.55
C GLU A 553 6.92 -14.07 17.92
N ALA A 554 6.15 -14.68 17.03
CA ALA A 554 6.60 -15.86 16.28
C ALA A 554 7.75 -15.54 15.35
N PHE A 555 7.82 -14.28 14.89
CA PHE A 555 8.90 -13.85 14.02
C PHE A 555 10.20 -13.59 14.78
N ASN A 556 10.14 -12.75 15.81
CA ASN A 556 11.36 -12.26 16.48
C ASN A 556 11.27 -12.12 18.00
N GLY A 557 10.22 -12.68 18.60
CA GLY A 557 10.03 -12.62 20.05
C GLY A 557 9.45 -11.32 20.59
N GLU A 558 9.20 -10.35 19.71
CA GLU A 558 8.65 -9.07 20.12
C GLU A 558 7.13 -9.01 19.98
N ARG A 559 6.49 -8.13 20.75
CA ARG A 559 5.02 -8.05 20.77
C ARG A 559 4.50 -6.63 20.52
N ILE A 560 5.42 -5.70 20.30
CA ILE A 560 5.08 -4.27 20.22
C ILE A 560 5.49 -3.65 18.88
N MET A 561 4.57 -2.93 18.26
CA MET A 561 4.86 -2.12 17.08
C MET A 561 5.74 -0.94 17.53
N SER A 562 6.89 -0.78 16.89
CA SER A 562 7.89 0.18 17.33
C SER A 562 8.59 0.88 16.17
N GLY A 563 8.86 2.17 16.35
CA GLY A 563 9.62 2.93 15.36
C GLY A 563 11.13 2.86 15.57
N LYS A 564 11.59 2.02 16.51
CA LYS A 564 13.02 1.90 16.80
C LYS A 564 13.81 1.44 15.58
N ALA A 565 13.29 0.43 14.88
CA ALA A 565 13.98 -0.18 13.74
C ALA A 565 14.16 0.77 12.56
N ILE A 566 13.09 1.47 12.17
CA ILE A 566 13.18 2.40 11.04
C ILE A 566 14.14 3.56 11.35
N ALA A 567 14.12 4.07 12.57
CA ALA A 567 15.04 5.12 13.00
C ALA A 567 16.50 4.65 13.01
N GLU A 568 16.70 3.38 13.39
CA GLU A 568 18.02 2.75 13.42
C GLU A 568 18.60 2.66 12.01
N TYR A 569 17.78 2.24 11.05
CA TYR A 569 18.17 2.15 9.64
C TYR A 569 18.64 3.50 9.07
N PHE A 570 17.90 4.56 9.38
CA PHE A 570 18.17 5.89 8.82
C PHE A 570 19.05 6.79 9.69
N GLU A 571 19.44 6.31 10.87
CA GLU A 571 20.29 7.09 11.78
C GLU A 571 21.54 7.72 11.10
N PRO A 572 22.28 6.95 10.27
CA PRO A 572 23.42 7.57 9.57
C PRO A 572 23.03 8.74 8.66
N LEU A 573 21.86 8.63 8.03
CA LEU A 573 21.32 9.70 7.20
C LEU A 573 20.94 10.92 8.04
N ARG A 574 20.24 10.68 9.15
CA ARG A 574 19.81 11.74 10.06
C ARG A 574 20.98 12.62 10.50
N VAL A 575 22.06 11.98 10.94
CA VAL A 575 23.27 12.67 11.37
C VAL A 575 23.84 13.53 10.24
N TRP A 576 23.99 12.94 9.06
CA TRP A 576 24.53 13.66 7.91
C TRP A 576 23.64 14.82 7.47
N LEU A 577 22.34 14.56 7.41
CA LEU A 577 21.37 15.51 6.89
C LEU A 577 21.19 16.73 7.78
N GLU A 578 21.11 16.50 9.09
CA GLU A 578 20.98 17.60 10.04
C GLU A 578 22.16 18.56 9.92
N ALA A 579 23.37 18.01 9.79
CA ALA A 579 24.58 18.79 9.60
C ALA A 579 24.61 19.48 8.25
N GLU A 580 24.19 18.78 7.19
CA GLU A 580 24.18 19.36 5.85
C GLU A 580 23.21 20.54 5.74
N ASN A 581 22.04 20.40 6.35
CA ASN A 581 21.05 21.48 6.39
C ASN A 581 21.53 22.72 7.15
N ILE A 582 22.27 22.51 8.24
CA ILE A 582 22.89 23.61 8.98
C ILE A 582 24.02 24.24 8.15
N LYS A 583 24.85 23.41 7.53
CA LYS A 583 25.93 23.85 6.65
C LYS A 583 25.43 24.75 5.52
N ASN A 584 24.26 24.43 4.97
CA ASN A 584 23.70 25.16 3.85
C ASN A 584 22.57 26.11 4.23
N ASN A 585 22.41 26.34 5.54
CA ASN A 585 21.40 27.27 6.07
C ASN A 585 20.02 26.99 5.47
N VAL A 586 19.64 25.71 5.45
CA VAL A 586 18.41 25.27 4.82
C VAL A 586 17.20 25.59 5.70
N HIS A 587 16.22 26.27 5.11
CA HIS A 587 14.99 26.60 5.83
C HIS A 587 14.17 25.34 6.05
N ILE A 588 13.72 25.14 7.29
CA ILE A 588 12.94 23.98 7.67
C ILE A 588 11.53 24.41 8.03
N GLY A 589 10.53 23.68 7.54
CA GLY A 589 9.13 23.99 7.81
C GLY A 589 8.50 24.80 6.70
N TRP A 590 7.20 25.02 6.79
CA TRP A 590 6.47 25.70 5.71
C TRP A 590 5.28 26.51 6.21
N THR A 591 5.01 27.59 5.50
CA THR A 591 3.81 28.40 5.72
C THR A 591 2.57 27.67 5.18
N THR A 592 1.40 28.04 5.68
CA THR A 592 0.13 27.45 5.22
C THR A 592 -0.11 27.74 3.74
N SER A 593 -0.50 26.69 3.01
CA SER A 593 -0.78 26.76 1.58
C SER A 593 -1.93 27.70 1.22
N ASN A 594 -1.80 28.40 0.09
CA ASN A 594 -2.83 29.25 -0.48
CA ASN A 594 -2.89 29.24 -0.40
C ASN A 594 -3.54 28.61 -1.66
N LYS A 595 -3.30 27.32 -1.86
CA LYS A 595 -3.76 26.61 -3.06
C LYS A 595 -5.15 25.94 -2.99
N CYS A 596 -5.86 26.11 -1.87
CA CYS A 596 -7.25 25.69 -1.81
C CYS A 596 -8.13 26.81 -1.25
N VAL A 597 -8.94 27.39 -2.13
CA VAL A 597 -9.82 28.50 -1.77
C VAL A 597 -11.08 27.99 -1.08
N SER A 598 -11.27 28.40 0.17
CA SER A 598 -12.43 28.00 0.97
C SER A 598 -13.65 28.83 0.59
#